data_2AOQ
#
_entry.id   2AOQ
#
_cell.length_a   114.624
_cell.length_b   114.624
_cell.length_c   46.755
_cell.angle_alpha   90.00
_cell.angle_beta   90.00
_cell.angle_gamma   120.00
#
_symmetry.space_group_name_H-M   'P 63'
#
loop_
_entity.id
_entity.type
_entity.pdbx_description
1 polymer "5'-D(*GP*CP*AP*TP*GP*AP*TP*CP*AP*TP*GP*C)-3'"
2 polymer 'DNA mismatch repair protein mutH'
3 non-polymer 'CALCIUM ION'
4 water water
#
loop_
_entity_poly.entity_id
_entity_poly.type
_entity_poly.pdbx_seq_one_letter_code
_entity_poly.pdbx_strand_id
1 'polydeoxyribonucleotide' (DG)(DC)(DA)(DT)(DG)(DA)(DT)(DC)(DA)(DT)(DG)(DC) B,C
2 'polypeptide(L)'
;MIPQTLEQLLSQAQSIAGLTFGELADELHIPVPIDLKRDKGWVGMLLERALGATAGSKAEQDFSHLGVELKTLPINAEGY
PLETTFVSLAPLVQNSGVKWENSHVRHKLSCVLWMPIEGSRHIPLRERHIGAPIFWKPTAEQERQLKQDWEELMDLIVLG
KLDQITARIGEVMQLRPKGANSRAVTKGIGKNGEIIDTLPLGFYLRKEFTAQILNAFLETKSL
;
A
#
loop_
_chem_comp.id
_chem_comp.type
_chem_comp.name
_chem_comp.formula
CA non-polymer 'CALCIUM ION' 'Ca 2'
DA DNA linking 2'-DEOXYADENOSINE-5'-MONOPHOSPHATE 'C10 H14 N5 O6 P'
DC DNA linking 2'-DEOXYCYTIDINE-5'-MONOPHOSPHATE 'C9 H14 N3 O7 P'
DG DNA linking 2'-DEOXYGUANOSINE-5'-MONOPHOSPHATE 'C10 H14 N5 O7 P'
DT DNA linking THYMIDINE-5'-MONOPHOSPHATE 'C10 H15 N2 O8 P'
#
# COMPACT_ATOMS: atom_id res chain seq x y z
N MET C 1 -19.56 -6.96 -13.14
CA MET C 1 -18.30 -7.38 -12.44
C MET C 1 -17.75 -6.21 -11.64
N ILE C 2 -17.67 -5.05 -12.28
CA ILE C 2 -17.17 -3.84 -11.63
C ILE C 2 -18.30 -3.22 -10.82
N PRO C 3 -18.10 -3.04 -9.51
CA PRO C 3 -19.16 -2.44 -8.70
C PRO C 3 -19.53 -1.03 -9.17
N GLN C 4 -20.80 -0.68 -9.03
CA GLN C 4 -21.26 0.63 -9.46
C GLN C 4 -21.32 1.63 -8.32
N THR C 5 -21.35 1.12 -7.09
CA THR C 5 -21.43 1.95 -5.90
C THR C 5 -20.56 1.40 -4.77
N LEU C 6 -20.32 2.22 -3.76
CA LEU C 6 -19.52 1.79 -2.63
C LEU C 6 -20.22 0.60 -1.97
N GLU C 7 -21.55 0.70 -1.88
CA GLU C 7 -22.35 -0.35 -1.26
C GLU C 7 -22.14 -1.69 -1.94
N GLN C 8 -22.03 -1.67 -3.25
CA GLN C 8 -21.85 -2.89 -4.02
C GLN C 8 -20.45 -3.46 -3.78
N LEU C 9 -19.45 -2.59 -3.71
CA LEU C 9 -18.08 -3.01 -3.48
C LEU C 9 -17.91 -3.60 -2.08
N LEU C 10 -18.49 -2.93 -1.08
CA LEU C 10 -18.39 -3.41 0.29
C LEU C 10 -19.14 -4.71 0.44
N SER C 11 -20.18 -4.87 -0.37
CA SER C 11 -20.97 -6.10 -0.31
C SER C 11 -20.19 -7.28 -0.89
N GLN C 12 -19.54 -7.04 -2.03
CA GLN C 12 -18.73 -8.07 -2.67
C GLN C 12 -17.54 -8.45 -1.80
N ALA C 13 -16.97 -7.50 -1.08
CA ALA C 13 -15.84 -7.78 -0.21
C ALA C 13 -16.30 -8.65 0.95
N GLN C 14 -17.40 -8.26 1.57
CA GLN C 14 -17.95 -9.01 2.69
C GLN C 14 -18.27 -10.41 2.22
N SER C 15 -18.58 -10.54 0.94
CA SER C 15 -18.90 -11.84 0.38
C SER C 15 -17.70 -12.80 0.29
N ILE C 16 -16.51 -12.26 0.10
CA ILE C 16 -15.30 -13.10 0.01
C ILE C 16 -14.55 -13.20 1.33
N ALA C 17 -15.06 -12.53 2.36
CA ALA C 17 -14.44 -12.58 3.69
C ALA C 17 -14.68 -13.96 4.31
N GLY C 18 -13.61 -14.65 4.64
CA GLY C 18 -13.72 -15.99 5.22
C GLY C 18 -13.33 -17.07 4.24
N LEU C 19 -13.25 -16.73 2.96
CA LEU C 19 -12.86 -17.71 1.96
C LEU C 19 -11.35 -17.86 2.06
N THR C 20 -10.83 -18.98 1.57
CA THR C 20 -9.39 -19.21 1.56
C THR C 20 -8.89 -18.77 0.18
N PHE C 21 -7.62 -18.44 0.05
CA PHE C 21 -7.06 -18.03 -1.23
C PHE C 21 -7.37 -19.14 -2.24
N GLY C 22 -7.19 -20.39 -1.80
CA GLY C 22 -7.45 -21.52 -2.67
C GLY C 22 -8.86 -21.57 -3.23
N GLU C 23 -9.85 -21.39 -2.38
CA GLU C 23 -11.25 -21.39 -2.81
C GLU C 23 -11.50 -20.26 -3.80
N LEU C 24 -10.97 -19.08 -3.49
CA LEU C 24 -11.19 -17.94 -4.36
C LEU C 24 -10.46 -18.11 -5.68
N ALA C 25 -9.18 -18.49 -5.62
CA ALA C 25 -8.38 -18.72 -6.81
C ALA C 25 -9.03 -19.72 -7.75
N ASP C 26 -9.43 -20.88 -7.21
CA ASP C 26 -10.07 -21.90 -8.04
C ASP C 26 -11.34 -21.36 -8.69
N GLU C 27 -12.13 -20.64 -7.90
CA GLU C 27 -13.38 -20.07 -8.38
C GLU C 27 -13.16 -19.09 -9.53
N LEU C 28 -11.97 -18.50 -9.58
CA LEU C 28 -11.65 -17.52 -10.61
C LEU C 28 -10.73 -18.10 -11.66
N HIS C 29 -10.40 -19.37 -11.51
CA HIS C 29 -9.51 -20.05 -12.45
C HIS C 29 -8.15 -19.38 -12.49
N ILE C 30 -7.61 -19.10 -11.30
CA ILE C 30 -6.30 -18.48 -11.18
C ILE C 30 -5.37 -19.47 -10.49
N PRO C 31 -4.24 -19.80 -11.13
CA PRO C 31 -3.31 -20.76 -10.52
C PRO C 31 -2.64 -20.24 -9.24
N VAL C 32 -2.60 -21.08 -8.23
CA VAL C 32 -2.01 -20.72 -6.94
C VAL C 32 -0.58 -21.21 -6.84
N PRO C 33 0.39 -20.32 -6.60
CA PRO C 33 1.80 -20.71 -6.48
C PRO C 33 2.03 -21.41 -5.14
N ILE C 34 3.20 -22.01 -4.94
CA ILE C 34 3.45 -22.71 -3.68
C ILE C 34 3.66 -21.75 -2.53
N ASP C 35 4.27 -20.60 -2.81
CA ASP C 35 4.50 -19.60 -1.77
C ASP C 35 4.59 -18.24 -2.45
N LEU C 36 4.86 -17.20 -1.68
CA LEU C 36 4.92 -15.84 -2.23
C LEU C 36 6.32 -15.33 -2.55
N LYS C 37 7.35 -16.16 -2.31
CA LYS C 37 8.73 -15.75 -2.58
C LYS C 37 8.96 -15.17 -3.97
N ARG C 38 8.28 -15.71 -4.97
CA ARG C 38 8.42 -15.21 -6.33
C ARG C 38 7.09 -14.82 -6.97
N ASP C 39 6.13 -14.45 -6.13
CA ASP C 39 4.80 -14.01 -6.58
C ASP C 39 4.31 -13.07 -5.49
N LYS C 40 5.18 -12.15 -5.10
CA LYS C 40 4.88 -11.23 -4.02
C LYS C 40 3.57 -10.44 -4.11
N GLY C 41 3.13 -10.07 -5.31
CA GLY C 41 1.90 -9.32 -5.43
C GLY C 41 0.68 -10.17 -5.77
N TRP C 42 0.84 -11.48 -5.67
CA TRP C 42 -0.23 -12.41 -6.02
C TRP C 42 -1.53 -12.19 -5.24
N VAL C 43 -1.45 -12.07 -3.91
CA VAL C 43 -2.68 -11.88 -3.15
C VAL C 43 -3.33 -10.57 -3.54
N GLY C 44 -2.51 -9.56 -3.79
CA GLY C 44 -3.05 -8.28 -4.19
C GLY C 44 -3.85 -8.43 -5.46
N MET C 45 -3.27 -9.12 -6.44
CA MET C 45 -3.95 -9.30 -7.71
C MET C 45 -5.19 -10.17 -7.59
N LEU C 46 -5.11 -11.15 -6.69
CA LEU C 46 -6.24 -12.06 -6.47
C LEU C 46 -7.45 -11.24 -6.05
N LEU C 47 -7.25 -10.31 -5.14
CA LEU C 47 -8.34 -9.47 -4.67
C LEU C 47 -8.80 -8.48 -5.76
N GLU C 48 -7.89 -7.95 -6.58
CA GLU C 48 -8.32 -7.02 -7.62
C GLU C 48 -9.33 -7.70 -8.54
N ARG C 49 -9.03 -8.94 -8.95
CA ARG C 49 -9.91 -9.67 -9.83
C ARG C 49 -11.21 -10.04 -9.14
N ALA C 50 -11.13 -10.36 -7.86
CA ALA C 50 -12.33 -10.73 -7.13
C ALA C 50 -13.26 -9.55 -6.88
N LEU C 51 -12.73 -8.33 -6.83
CA LEU C 51 -13.60 -7.20 -6.57
C LEU C 51 -13.85 -6.30 -7.77
N GLY C 52 -13.33 -6.70 -8.92
CA GLY C 52 -13.53 -5.91 -10.13
C GLY C 52 -12.76 -4.60 -10.17
N ALA C 53 -11.54 -4.61 -9.66
CA ALA C 53 -10.70 -3.42 -9.64
C ALA C 53 -9.84 -3.33 -10.90
N THR C 54 -9.27 -2.15 -11.14
CA THR C 54 -8.41 -1.93 -12.30
C THR C 54 -7.12 -2.73 -12.12
N ALA C 55 -6.81 -3.57 -13.10
CA ALA C 55 -5.60 -4.38 -13.07
C ALA C 55 -4.48 -3.61 -13.76
N GLY C 56 -3.39 -4.31 -14.04
CA GLY C 56 -2.27 -3.69 -14.72
C GLY C 56 -1.66 -2.50 -14.01
N SER C 57 -0.92 -1.70 -14.76
CA SER C 57 -0.24 -0.53 -14.21
C SER C 57 -1.07 0.75 -14.33
N LYS C 58 -2.39 0.59 -14.47
CA LYS C 58 -3.27 1.76 -14.57
C LYS C 58 -2.97 2.65 -13.38
N ALA C 59 -2.59 3.89 -13.66
CA ALA C 59 -2.22 4.87 -12.65
C ALA C 59 -3.14 5.20 -11.47
N GLU C 60 -2.57 5.03 -10.27
CA GLU C 60 -3.14 5.31 -8.96
C GLU C 60 -4.55 4.96 -8.48
N GLN C 61 -5.43 4.39 -9.31
CA GLN C 61 -6.73 4.09 -8.72
C GLN C 61 -7.59 2.92 -9.22
N ASP C 62 -7.76 1.98 -8.30
CA ASP C 62 -8.53 0.76 -8.51
C ASP C 62 -9.99 1.01 -8.87
N PHE C 63 -10.63 1.97 -8.21
CA PHE C 63 -12.02 2.27 -8.50
C PHE C 63 -12.15 3.78 -8.69
N SER C 64 -11.60 4.26 -9.79
CA SER C 64 -11.61 5.69 -10.13
C SER C 64 -13.01 6.29 -10.08
N HIS C 65 -14.02 5.53 -10.51
CA HIS C 65 -15.38 6.04 -10.50
C HIS C 65 -15.94 6.15 -9.08
N LEU C 66 -15.28 5.47 -8.15
CA LEU C 66 -15.69 5.49 -6.74
C LEU C 66 -14.69 6.30 -5.91
N GLY C 67 -13.47 6.41 -6.43
CA GLY C 67 -12.45 7.13 -5.71
C GLY C 67 -11.94 6.28 -4.56
N VAL C 68 -11.93 4.97 -4.78
CA VAL C 68 -11.45 4.07 -3.75
C VAL C 68 -10.19 3.34 -4.18
N GLU C 69 -9.25 3.21 -3.25
CA GLU C 69 -7.99 2.50 -3.45
C GLU C 69 -8.06 1.20 -2.66
N LEU C 70 -7.76 0.08 -3.31
CA LEU C 70 -7.79 -1.21 -2.64
C LEU C 70 -6.39 -1.63 -2.19
N LYS C 71 -6.30 -2.13 -0.95
CA LYS C 71 -5.02 -2.59 -0.42
C LYS C 71 -5.15 -3.78 0.49
N THR C 72 -4.35 -4.82 0.23
CA THR C 72 -4.36 -6.00 1.09
C THR C 72 -3.45 -5.67 2.27
N LEU C 73 -3.65 -6.33 3.41
CA LEU C 73 -2.86 -6.07 4.61
C LEU C 73 -2.61 -7.38 5.34
N PRO C 74 -1.40 -7.94 5.23
CA PRO C 74 -1.13 -9.20 5.92
C PRO C 74 -1.06 -9.06 7.44
N ILE C 75 -1.76 -9.95 8.14
CA ILE C 75 -1.79 -9.93 9.59
C ILE C 75 -1.50 -11.32 10.16
N ASN C 76 -1.01 -11.35 11.40
CA ASN C 76 -0.73 -12.62 12.06
C ASN C 76 -1.97 -13.03 12.85
N ALA C 77 -1.84 -14.09 13.66
CA ALA C 77 -2.94 -14.62 14.47
C ALA C 77 -3.54 -13.67 15.49
N GLU C 78 -2.74 -12.74 15.99
CA GLU C 78 -3.22 -11.77 16.97
C GLU C 78 -3.84 -10.53 16.29
N GLY C 79 -3.92 -10.55 14.96
CA GLY C 79 -4.49 -9.43 14.24
C GLY C 79 -3.53 -8.27 14.01
N TYR C 80 -2.23 -8.54 14.10
CA TYR C 80 -1.23 -7.49 13.91
C TYR C 80 -0.58 -7.56 12.52
N PRO C 81 -0.23 -6.39 11.94
CA PRO C 81 0.39 -6.39 10.60
C PRO C 81 1.75 -7.08 10.53
N LEU C 82 1.91 -7.96 9.54
CA LEU C 82 3.16 -8.67 9.32
C LEU C 82 4.12 -7.94 8.38
N GLU C 83 3.64 -6.89 7.72
CA GLU C 83 4.47 -6.12 6.80
C GLU C 83 4.04 -4.67 6.78
N THR C 84 4.90 -3.81 6.23
CA THR C 84 4.61 -2.39 6.09
C THR C 84 3.73 -2.30 4.83
N THR C 85 3.17 -1.12 4.56
CA THR C 85 2.32 -0.97 3.39
C THR C 85 2.89 0.03 2.40
N PHE C 86 3.13 -0.42 1.18
CA PHE C 86 3.64 0.44 0.13
C PHE C 86 2.56 1.41 -0.31
N VAL C 87 2.93 2.67 -0.49
CA VAL C 87 1.96 3.69 -0.90
C VAL C 87 2.25 4.14 -2.35
N SER C 88 3.43 4.69 -2.59
CA SER C 88 3.78 5.14 -3.94
C SER C 88 5.24 5.55 -4.05
N LEU C 89 5.77 5.45 -5.26
CA LEU C 89 7.15 5.83 -5.50
C LEU C 89 7.38 7.29 -5.17
N ALA C 90 8.57 7.62 -4.72
CA ALA C 90 8.90 9.01 -4.39
C ALA C 90 9.62 9.66 -5.57
N PRO C 91 9.20 10.88 -5.94
CA PRO C 91 9.82 11.60 -7.05
C PRO C 91 11.09 12.27 -6.54
N LEU C 92 12.23 11.70 -6.89
CA LEU C 92 13.51 12.24 -6.43
C LEU C 92 14.03 13.43 -7.24
N VAL C 93 13.24 13.86 -8.21
CA VAL C 93 13.62 15.00 -9.06
C VAL C 93 12.38 15.76 -9.50
N GLN C 94 12.52 17.07 -9.66
CA GLN C 94 11.43 17.93 -10.09
C GLN C 94 10.23 17.89 -9.14
N ASN C 95 10.49 17.51 -7.89
CA ASN C 95 9.42 17.44 -6.90
C ASN C 95 8.93 18.86 -6.64
N SER C 96 9.68 19.84 -7.15
CA SER C 96 9.33 21.24 -6.99
C SER C 96 7.92 21.55 -7.48
N GLY C 97 7.05 21.95 -6.57
CA GLY C 97 5.69 22.30 -6.95
C GLY C 97 4.55 21.70 -6.12
N VAL C 98 4.68 20.42 -5.77
CA VAL C 98 3.65 19.73 -5.01
C VAL C 98 3.58 20.08 -3.51
N LYS C 99 2.36 20.24 -3.03
CA LYS C 99 2.11 20.53 -1.62
C LYS C 99 1.43 19.27 -1.10
N TRP C 100 1.40 19.08 0.22
CA TRP C 100 0.79 17.89 0.78
C TRP C 100 -0.61 17.67 0.20
N GLU C 101 -1.43 18.71 0.23
CA GLU C 101 -2.80 18.64 -0.26
C GLU C 101 -2.95 18.06 -1.67
N ASN C 102 -1.96 18.26 -2.53
CA ASN C 102 -2.04 17.76 -3.90
C ASN C 102 -1.02 16.65 -4.19
N SER C 103 -0.61 15.92 -3.16
CA SER C 103 0.37 14.84 -3.35
C SER C 103 -0.26 13.53 -3.79
N HIS C 104 0.54 12.73 -4.48
CA HIS C 104 0.12 11.40 -4.93
C HIS C 104 -0.19 10.61 -3.66
N VAL C 105 0.68 10.74 -2.66
CA VAL C 105 0.52 10.03 -1.40
C VAL C 105 -0.83 10.33 -0.73
N ARG C 106 -1.15 11.61 -0.56
CA ARG C 106 -2.40 11.98 0.08
C ARG C 106 -3.57 11.45 -0.74
N HIS C 107 -3.45 11.55 -2.07
CA HIS C 107 -4.50 11.08 -2.96
C HIS C 107 -4.75 9.58 -2.82
N LYS C 108 -3.68 8.78 -2.86
CA LYS C 108 -3.84 7.35 -2.73
C LYS C 108 -4.37 6.92 -1.36
N LEU C 109 -4.06 7.70 -0.34
CA LEU C 109 -4.50 7.39 1.01
C LEU C 109 -5.73 8.16 1.47
N SER C 110 -6.42 8.82 0.56
CA SER C 110 -7.61 9.58 0.96
C SER C 110 -8.80 8.67 1.26
N CYS C 111 -8.87 7.54 0.55
CA CYS C 111 -9.97 6.59 0.74
C CYS C 111 -9.51 5.16 0.39
N VAL C 112 -9.22 4.38 1.44
CA VAL C 112 -8.73 3.02 1.24
C VAL C 112 -9.67 1.92 1.71
N LEU C 113 -9.73 0.85 0.94
CA LEU C 113 -10.52 -0.32 1.29
C LEU C 113 -9.45 -1.34 1.67
N TRP C 114 -9.21 -1.50 2.97
CA TRP C 114 -8.22 -2.45 3.43
C TRP C 114 -8.84 -3.84 3.48
N MET C 115 -8.15 -4.82 2.91
CA MET C 115 -8.63 -6.20 2.96
C MET C 115 -7.58 -6.97 3.75
N PRO C 116 -7.81 -7.15 5.06
CA PRO C 116 -6.85 -7.89 5.87
C PRO C 116 -6.78 -9.31 5.35
N ILE C 117 -5.61 -9.92 5.40
CA ILE C 117 -5.47 -11.30 4.95
C ILE C 117 -4.51 -12.01 5.86
N GLU C 118 -4.69 -13.31 6.02
CA GLU C 118 -3.77 -14.09 6.83
C GLU C 118 -2.41 -14.06 6.14
N GLY C 119 -1.36 -13.64 6.84
CA GLY C 119 -0.05 -13.58 6.22
C GLY C 119 1.05 -14.48 6.77
N SER C 120 0.78 -15.19 7.85
CA SER C 120 1.80 -16.07 8.45
C SER C 120 2.43 -17.03 7.46
N ARG C 121 3.76 -16.99 7.40
CA ARG C 121 4.53 -17.83 6.49
C ARG C 121 4.32 -19.32 6.63
N HIS C 122 4.07 -19.80 7.85
CA HIS C 122 3.89 -21.24 8.01
C HIS C 122 2.56 -21.76 7.44
N ILE C 123 1.61 -20.86 7.19
CA ILE C 123 0.33 -21.30 6.64
C ILE C 123 0.45 -21.52 5.14
N PRO C 124 0.06 -22.71 4.65
CA PRO C 124 0.14 -22.99 3.21
C PRO C 124 -0.69 -21.93 2.47
N LEU C 125 -0.08 -21.27 1.50
CA LEU C 125 -0.74 -20.21 0.74
C LEU C 125 -2.23 -20.50 0.46
N ARG C 126 -2.52 -21.71 0.00
CA ARG C 126 -3.88 -22.10 -0.30
C ARG C 126 -4.85 -22.06 0.88
N GLU C 127 -4.35 -22.23 2.09
CA GLU C 127 -5.20 -22.26 3.28
C GLU C 127 -5.41 -20.94 4.04
N ARG C 128 -4.68 -19.90 3.66
CA ARG C 128 -4.82 -18.61 4.32
C ARG C 128 -6.19 -18.02 4.01
N HIS C 129 -6.78 -17.35 5.00
CA HIS C 129 -8.09 -16.75 4.83
C HIS C 129 -8.03 -15.25 4.51
N ILE C 130 -9.11 -14.78 3.87
CA ILE C 130 -9.30 -13.39 3.51
C ILE C 130 -10.13 -12.81 4.66
N GLY C 131 -9.76 -11.61 5.12
CA GLY C 131 -10.48 -11.00 6.22
C GLY C 131 -11.66 -10.13 5.81
N ALA C 132 -12.39 -9.59 6.79
CA ALA C 132 -13.53 -8.74 6.52
C ALA C 132 -13.02 -7.39 6.05
N PRO C 133 -13.74 -6.75 5.12
CA PRO C 133 -13.33 -5.44 4.61
C PRO C 133 -13.34 -4.33 5.65
N ILE C 134 -12.41 -3.39 5.52
CA ILE C 134 -12.33 -2.25 6.41
C ILE C 134 -12.19 -1.02 5.54
N PHE C 135 -13.26 -0.22 5.49
CA PHE C 135 -13.28 0.99 4.69
C PHE C 135 -12.73 2.13 5.53
N TRP C 136 -11.65 2.74 5.09
CA TRP C 136 -10.99 3.77 5.86
C TRP C 136 -10.71 5.09 5.17
N LYS C 137 -10.81 6.16 5.96
CA LYS C 137 -10.50 7.53 5.54
C LYS C 137 -9.71 8.06 6.72
N PRO C 138 -8.53 8.66 6.47
CA PRO C 138 -7.75 9.17 7.60
C PRO C 138 -8.49 10.18 8.48
N THR C 139 -8.27 10.06 9.80
CA THR C 139 -8.86 10.98 10.76
C THR C 139 -8.00 12.23 10.69
N ALA C 140 -8.44 13.28 11.38
CA ALA C 140 -7.68 14.53 11.40
C ALA C 140 -6.25 14.28 11.86
N GLU C 141 -6.11 13.54 12.97
CA GLU C 141 -4.80 13.23 13.53
C GLU C 141 -3.92 12.43 12.57
N GLN C 142 -4.50 11.42 11.95
CA GLN C 142 -3.75 10.60 11.01
C GLN C 142 -3.22 11.40 9.85
N GLU C 143 -4.01 12.36 9.36
CA GLU C 143 -3.52 13.15 8.23
C GLU C 143 -2.45 14.11 8.74
N ARG C 144 -2.61 14.58 9.96
CA ARG C 144 -1.65 15.52 10.54
C ARG C 144 -0.32 14.77 10.61
N GLN C 145 -0.37 13.50 11.00
CA GLN C 145 0.82 12.69 11.10
C GLN C 145 1.40 12.44 9.71
N LEU C 146 0.56 11.96 8.80
CA LEU C 146 0.99 11.69 7.44
C LEU C 146 1.61 12.91 6.78
N LYS C 147 0.96 14.06 6.95
CA LYS C 147 1.45 15.30 6.35
C LYS C 147 2.84 15.64 6.86
N GLN C 148 3.01 15.56 8.17
CA GLN C 148 4.29 15.87 8.79
C GLN C 148 5.44 15.05 8.19
N ASP C 149 5.26 13.73 8.14
CA ASP C 149 6.29 12.87 7.59
C ASP C 149 6.58 13.18 6.11
N TRP C 150 5.52 13.38 5.34
CA TRP C 150 5.67 13.68 3.92
C TRP C 150 6.55 14.90 3.69
N GLU C 151 6.26 15.99 4.39
CA GLU C 151 7.04 17.23 4.24
C GLU C 151 8.49 17.04 4.66
N GLU C 152 8.70 16.32 5.75
CA GLU C 152 10.05 16.06 6.24
C GLU C 152 10.86 15.29 5.20
N LEU C 153 10.29 14.18 4.73
CA LEU C 153 10.97 13.35 3.74
C LEU C 153 11.15 14.07 2.40
N MET C 154 10.15 14.86 2.01
CA MET C 154 10.25 15.60 0.76
C MET C 154 11.34 16.67 0.79
N ASP C 155 11.47 17.38 1.90
CA ASP C 155 12.50 18.41 2.00
C ASP C 155 13.86 17.80 1.72
N LEU C 156 14.14 16.66 2.36
CA LEU C 156 15.41 15.97 2.17
C LEU C 156 15.67 15.68 0.70
N ILE C 157 14.65 15.17 0.00
CA ILE C 157 14.76 14.83 -1.40
C ILE C 157 15.00 16.05 -2.26
N VAL C 158 14.36 17.16 -1.90
CA VAL C 158 14.50 18.41 -2.64
C VAL C 158 15.83 19.11 -2.35
N LEU C 159 16.47 18.73 -1.25
CA LEU C 159 17.73 19.36 -0.88
C LEU C 159 18.96 18.47 -1.09
N GLY C 160 18.82 17.43 -1.91
CA GLY C 160 19.94 16.53 -2.20
C GLY C 160 20.49 15.70 -1.05
N LYS C 161 19.79 15.62 0.08
CA LYS C 161 20.27 14.83 1.21
C LYS C 161 19.82 13.41 1.03
N LEU C 162 19.77 12.99 -0.22
CA LEU C 162 19.36 11.64 -0.50
C LEU C 162 20.25 10.64 0.23
N ASP C 163 21.49 11.05 0.45
CA ASP C 163 22.44 10.19 1.11
C ASP C 163 22.20 10.17 2.60
N GLN C 164 21.31 11.01 3.13
CA GLN C 164 20.99 11.02 4.59
C GLN C 164 19.66 10.33 4.90
N ILE C 165 18.85 10.15 3.87
CA ILE C 165 17.56 9.52 4.05
C ILE C 165 17.71 8.07 4.47
N THR C 166 17.09 7.71 5.59
CA THR C 166 17.15 6.34 6.10
C THR C 166 15.72 5.94 6.47
N ALA C 167 15.44 4.64 6.43
CA ALA C 167 14.11 4.13 6.75
C ALA C 167 13.70 4.48 8.18
N ARG C 168 14.62 5.05 8.95
CA ARG C 168 14.33 5.42 10.34
C ARG C 168 13.63 6.77 10.45
N ILE C 169 13.74 7.58 9.41
CA ILE C 169 13.11 8.88 9.39
C ILE C 169 11.60 8.72 9.17
N GLY C 170 10.81 9.52 9.88
CA GLY C 170 9.36 9.47 9.77
C GLY C 170 8.72 8.71 10.92
N GLU C 171 7.64 9.25 11.47
CA GLU C 171 6.97 8.59 12.59
C GLU C 171 6.00 7.49 12.18
N VAL C 172 5.19 7.73 11.14
CA VAL C 172 4.25 6.72 10.68
C VAL C 172 4.50 6.32 9.22
N MET C 173 5.12 7.22 8.46
CA MET C 173 5.44 6.95 7.06
C MET C 173 6.93 7.12 6.89
N GLN C 174 7.50 6.30 6.01
CA GLN C 174 8.94 6.31 5.77
C GLN C 174 9.29 6.11 4.30
N LEU C 175 10.60 6.17 4.02
CA LEU C 175 11.15 5.96 2.70
C LEU C 175 12.06 4.72 2.72
N ARG C 176 11.77 3.75 1.86
CA ARG C 176 12.60 2.55 1.76
C ARG C 176 12.78 2.28 0.27
N PRO C 177 13.78 1.46 -0.09
CA PRO C 177 13.99 1.16 -1.51
C PRO C 177 12.75 0.55 -2.16
N LYS C 178 12.56 0.80 -3.45
CA LYS C 178 11.41 0.29 -4.18
C LYS C 178 11.83 0.03 -5.61
N GLY C 179 12.08 -1.23 -5.94
CA GLY C 179 12.51 -1.57 -7.29
C GLY C 179 12.90 -3.02 -7.41
N ALA C 180 13.61 -3.37 -8.47
CA ALA C 180 14.02 -4.76 -8.69
C ALA C 180 15.00 -5.25 -7.63
N ASN C 181 15.95 -4.39 -7.27
CA ASN C 181 16.95 -4.75 -6.27
C ASN C 181 17.83 -3.56 -5.95
N SER C 182 18.94 -3.82 -5.26
CA SER C 182 19.86 -2.75 -4.86
C SER C 182 20.59 -2.06 -6.03
N ARG C 183 20.62 -2.69 -7.20
CA ARG C 183 21.31 -2.09 -8.36
C ARG C 183 20.38 -1.23 -9.21
N ALA C 184 19.10 -1.22 -8.87
CA ALA C 184 18.14 -0.40 -9.60
C ALA C 184 18.61 1.04 -9.45
N VAL C 185 18.39 1.86 -10.47
CA VAL C 185 18.82 3.25 -10.40
C VAL C 185 17.84 4.21 -11.05
N THR C 186 17.67 5.38 -10.41
CA THR C 186 16.78 6.42 -10.91
C THR C 186 17.51 7.75 -10.80
N LYS C 187 16.95 8.80 -11.39
CA LYS C 187 17.55 10.12 -11.34
C LYS C 187 17.17 10.84 -10.06
N GLY C 188 18.16 11.44 -9.41
CA GLY C 188 17.92 12.16 -8.17
C GLY C 188 18.67 13.50 -8.15
N ILE C 189 18.92 14.02 -6.96
CA ILE C 189 19.62 15.31 -6.79
C ILE C 189 20.84 15.12 -5.89
N GLY C 190 22.00 15.54 -6.40
CA GLY C 190 23.23 15.39 -5.65
C GLY C 190 23.45 16.39 -4.53
N LYS C 191 24.52 16.16 -3.78
CA LYS C 191 24.83 17.05 -2.68
C LYS C 191 25.05 18.50 -3.17
N ASN C 192 25.16 18.71 -4.49
CA ASN C 192 25.42 20.04 -5.04
C ASN C 192 24.43 20.47 -6.09
N GLY C 193 23.27 19.85 -6.06
CA GLY C 193 22.22 20.21 -6.98
C GLY C 193 22.30 19.64 -8.38
N GLU C 194 23.19 18.67 -8.62
CA GLU C 194 23.34 18.04 -9.93
C GLU C 194 22.59 16.70 -10.03
N ILE C 195 21.93 16.47 -11.16
CA ILE C 195 21.20 15.23 -11.36
C ILE C 195 22.17 14.06 -11.35
N ILE C 196 21.94 13.10 -10.45
CA ILE C 196 22.79 11.92 -10.34
C ILE C 196 21.98 10.62 -10.38
N ASP C 197 22.69 9.50 -10.30
CA ASP C 197 22.07 8.19 -10.28
C ASP C 197 21.99 7.76 -8.82
N THR C 198 20.83 7.22 -8.44
CA THR C 198 20.61 6.78 -7.07
C THR C 198 19.55 5.69 -6.99
N LEU C 199 19.35 5.14 -5.80
CA LEU C 199 18.38 4.08 -5.58
C LEU C 199 16.96 4.63 -5.51
N PRO C 200 16.03 4.01 -6.24
CA PRO C 200 14.62 4.42 -6.27
C PRO C 200 13.99 4.22 -4.90
N LEU C 201 13.26 5.21 -4.42
CA LEU C 201 12.64 5.11 -3.10
C LEU C 201 11.13 5.23 -3.16
N GLY C 202 10.46 4.60 -2.21
CA GLY C 202 9.02 4.68 -2.15
C GLY C 202 8.53 4.96 -0.74
N PHE C 203 7.29 5.41 -0.62
CA PHE C 203 6.68 5.70 0.66
C PHE C 203 5.99 4.45 1.22
N TYR C 204 6.18 4.19 2.51
CA TYR C 204 5.57 3.03 3.16
C TYR C 204 4.98 3.44 4.51
N LEU C 205 3.91 2.77 4.93
CA LEU C 205 3.33 3.06 6.23
C LEU C 205 3.94 2.06 7.19
N ARG C 206 4.29 2.49 8.39
CA ARG C 206 4.87 1.58 9.38
C ARG C 206 3.72 0.75 9.91
N LYS C 207 4.04 -0.43 10.44
CA LYS C 207 3.05 -1.35 10.99
C LYS C 207 2.20 -0.72 12.10
N GLU C 208 2.81 0.16 12.89
CA GLU C 208 2.10 0.82 13.98
C GLU C 208 0.90 1.62 13.48
N PHE C 209 1.08 2.32 12.35
CA PHE C 209 0.03 3.13 11.76
C PHE C 209 -1.13 2.26 11.30
N THR C 210 -0.87 1.24 10.47
CA THR C 210 -1.95 0.39 10.00
C THR C 210 -2.58 -0.41 11.12
N ALA C 211 -1.80 -0.72 12.16
CA ALA C 211 -2.34 -1.47 13.29
C ALA C 211 -3.41 -0.62 14.00
N GLN C 212 -3.19 0.69 14.07
CA GLN C 212 -4.15 1.58 14.70
C GLN C 212 -5.43 1.59 13.87
N ILE C 213 -5.30 1.45 12.56
CA ILE C 213 -6.47 1.44 11.70
C ILE C 213 -7.27 0.19 12.02
N LEU C 214 -6.55 -0.91 12.25
CA LEU C 214 -7.18 -2.18 12.58
C LEU C 214 -7.84 -2.08 13.95
N ASN C 215 -7.17 -1.42 14.89
CA ASN C 215 -7.69 -1.25 16.24
C ASN C 215 -8.90 -0.33 16.29
N ALA C 216 -8.80 0.83 15.66
CA ALA C 216 -9.89 1.79 15.65
C ALA C 216 -11.12 1.18 15.00
N PHE C 217 -10.91 0.10 14.25
CA PHE C 217 -12.02 -0.56 13.58
C PHE C 217 -12.67 -1.51 14.57
N LEU C 218 -11.84 -2.28 15.27
CA LEU C 218 -12.35 -3.22 16.27
C LEU C 218 -13.09 -2.47 17.36
N GLU C 219 -12.57 -1.31 17.77
CA GLU C 219 -13.21 -0.51 18.82
C GLU C 219 -14.46 0.17 18.28
N THR C 220 -15.00 -0.36 17.19
CA THR C 220 -16.20 0.16 16.58
C THR C 220 -17.31 -0.89 16.73
CA CA D . -4.60 -1.48 -9.17
CA CA E . -4.56 -0.94 -5.03
#